data_6DXK
#
_entry.id   6DXK
#
_cell.length_a   79.193
_cell.length_b   98.694
_cell.length_c   100.410
_cell.angle_alpha   90.00
_cell.angle_beta   90.00
_cell.angle_gamma   90.00
#
_symmetry.space_group_name_H-M   'P 21 21 21'
#
loop_
_entity.id
_entity.type
_entity.pdbx_description
1 polymer 'Glucocorticoid receptor'
2 non-polymer '(8S,11R,13S,14S,17S)-11-[4-(dimethylamino)phenyl]-17-(3,3-dimethylbut-1-yn-1-yl)-17-hydroxy-13-methyl-1,2,6,7,8,11,12,13,14,15,16,17-dodecahydro-3H-cyclopenta[a]phenanthren-3-one (non-preferred name)'
3 water water
#
_entity_poly.entity_id   1
_entity_poly.type   'polypeptide(L)'
_entity_poly.pdbx_seq_one_letter_code
;SSPATSPQSTPTLVSALETIEPEVLYAGYDSSVPDSTWRIMTTLNMLGGRQVIAAVKWAKAIPGFRNLHLDDQMTLLQYS
WMYLMAFALGWRSYRQSSANLLCFAPDLIINEQRMTLPDMYDQCKHMLYVSSELHRLQVSYEEYLCMKTLLLLSSVPKDG
LKSQALFDAIRMTYIKELGKAIVKREGNSSQNSQRFYQLTKLLDSMHEVVENLLNYCFQTFLDKTMSIEFPEMLAEIITN
QIPKYSNGNIKKLLFHQK
;
_entity_poly.pdbx_strand_id   A,B
#
loop_
_chem_comp.id
_chem_comp.type
_chem_comp.name
_chem_comp.formula
HJ4 non-polymer '(8S,11R,13S,14S,17S)-11-[4-(dimethylamino)phenyl]-17-(3,3-dimethylbut-1-yn-1-yl)-17-hydroxy-13-methyl-1,2,6,7,8,11,12,13,14,15,16,17-dodecahydro-3H-cyclopenta[a]phenanthren-3-one (non-preferred name)' 'C32 H41 N O2'
#
# COMPACT_ATOMS: atom_id res chain seq x y z
N PRO A 11 15.66 19.08 22.86
CA PRO A 11 15.87 19.01 21.42
C PRO A 11 14.88 18.07 20.72
N THR A 12 14.57 18.38 19.45
CA THR A 12 13.58 17.61 18.66
C THR A 12 14.14 16.24 18.27
N LEU A 13 13.22 15.31 18.00
CA LEU A 13 13.60 13.94 17.61
C LEU A 13 14.29 13.86 16.23
N VAL A 14 13.91 14.74 15.29
CA VAL A 14 14.63 14.90 14.01
C VAL A 14 16.08 15.37 14.17
N SER A 15 16.30 16.35 15.05
CA SER A 15 17.66 16.86 15.32
C SER A 15 18.54 15.84 16.05
N ALA A 16 17.93 14.95 16.84
CA ALA A 16 18.62 13.77 17.38
C ALA A 16 19.03 12.78 16.29
N LEU A 17 18.15 12.54 15.32
CA LEU A 17 18.49 11.75 14.12
C LEU A 17 19.55 12.42 13.23
N GLU A 18 19.53 13.75 13.16
CA GLU A 18 20.52 14.55 12.41
C GLU A 18 21.93 14.47 13.04
N THR A 19 22.02 14.55 14.38
CA THR A 19 23.32 14.51 15.08
C THR A 19 24.00 13.14 15.02
N ILE A 20 23.22 12.09 15.27
CA ILE A 20 23.72 10.69 15.17
C ILE A 20 24.09 10.21 13.75
N GLU A 21 23.63 10.91 12.70
CA GLU A 21 23.96 10.59 11.32
C GLU A 21 25.47 10.76 11.08
N PRO A 22 26.17 9.68 10.65
CA PRO A 22 27.64 9.72 10.65
C PRO A 22 28.21 10.55 9.52
N GLU A 23 29.49 10.87 9.63
CA GLU A 23 30.26 11.49 8.54
C GLU A 23 30.38 10.49 7.39
N VAL A 24 30.36 11.01 6.16
CA VAL A 24 30.51 10.18 4.95
C VAL A 24 31.89 9.49 4.93
N LEU A 25 31.88 8.19 4.62
CA LEU A 25 33.12 7.40 4.50
C LEU A 25 33.71 7.61 3.11
N TYR A 26 35.05 7.72 3.06
CA TYR A 26 35.80 7.77 1.79
C TYR A 26 36.29 6.37 1.42
N ALA A 27 36.32 6.07 0.12
CA ALA A 27 36.72 4.77 -0.40
C ALA A 27 38.23 4.46 -0.25
N GLY A 28 39.07 5.50 -0.38
CA GLY A 28 40.52 5.34 -0.41
C GLY A 28 40.94 4.72 -1.73
N TYR A 29 40.63 5.44 -2.82
CA TYR A 29 40.73 4.94 -4.19
C TYR A 29 41.45 5.97 -5.07
N ASP A 30 42.46 5.48 -5.82
CA ASP A 30 43.27 6.30 -6.73
C ASP A 30 42.61 6.33 -8.12
N SER A 31 42.10 7.50 -8.51
CA SER A 31 41.45 7.71 -9.82
C SER A 31 42.41 8.08 -10.96
N SER A 32 43.55 8.69 -10.63
CA SER A 32 44.59 9.05 -11.63
C SER A 32 45.23 7.86 -12.36
N VAL A 33 45.25 6.69 -11.71
CA VAL A 33 45.70 5.41 -12.34
C VAL A 33 44.59 4.97 -13.33
N PRO A 34 44.96 4.25 -14.44
CA PRO A 34 43.92 3.69 -15.33
C PRO A 34 43.00 2.66 -14.67
N ASP A 35 41.74 2.63 -15.13
CA ASP A 35 40.64 1.93 -14.47
C ASP A 35 40.83 0.41 -14.45
N SER A 36 40.71 -0.17 -13.26
CA SER A 36 40.76 -1.61 -13.04
C SER A 36 39.48 -1.99 -12.28
N THR A 37 38.59 -2.73 -12.95
CA THR A 37 37.34 -3.23 -12.34
C THR A 37 37.62 -4.18 -11.17
N TRP A 38 38.76 -4.90 -11.20
CA TRP A 38 39.22 -5.66 -10.03
C TRP A 38 39.38 -4.76 -8.81
N ARG A 39 40.12 -3.66 -8.98
CA ARG A 39 40.42 -2.73 -7.88
C ARG A 39 39.18 -2.02 -7.32
N ILE A 40 38.25 -1.61 -8.20
CA ILE A 40 36.95 -1.05 -7.79
C ILE A 40 36.17 -2.01 -6.88
N MET A 41 36.07 -3.27 -7.32
CA MET A 41 35.31 -4.30 -6.58
C MET A 41 35.96 -4.67 -5.24
N THR A 42 37.29 -4.72 -5.21
CA THR A 42 38.09 -4.85 -3.98
C THR A 42 37.82 -3.69 -3.01
N THR A 43 37.88 -2.46 -3.52
CA THR A 43 37.59 -1.26 -2.72
C THR A 43 36.15 -1.21 -2.21
N LEU A 44 35.18 -1.55 -3.07
CA LEU A 44 33.76 -1.64 -2.66
C LEU A 44 33.52 -2.62 -1.51
N ASN A 45 34.20 -3.77 -1.54
CA ASN A 45 34.08 -4.78 -0.49
C ASN A 45 34.63 -4.26 0.85
N MET A 46 35.79 -3.59 0.81
CA MET A 46 36.35 -2.92 2.00
C MET A 46 35.44 -1.81 2.53
N LEU A 47 34.84 -1.04 1.63
CA LEU A 47 33.89 0.04 1.99
C LEU A 47 32.61 -0.51 2.63
N GLY A 48 32.01 -1.49 1.98
CA GLY A 48 30.82 -2.18 2.50
C GLY A 48 30.94 -2.73 3.90
N GLY A 49 32.12 -3.24 4.25
CA GLY A 49 32.41 -3.73 5.59
C GLY A 49 32.42 -2.61 6.63
N ARG A 50 33.08 -1.51 6.27
CA ARG A 50 33.10 -0.28 7.08
C ARG A 50 31.72 0.36 7.26
N GLN A 51 30.88 0.30 6.22
CA GLN A 51 29.48 0.79 6.27
C GLN A 51 28.60 0.02 7.25
N VAL A 52 28.82 -1.29 7.36
CA VAL A 52 28.14 -2.15 8.35
C VAL A 52 28.56 -1.79 9.79
N ILE A 53 29.84 -1.45 10.02
CA ILE A 53 30.30 -0.98 11.35
C ILE A 53 29.53 0.30 11.73
N ALA A 54 29.47 1.23 10.78
CA ALA A 54 28.77 2.51 10.93
C ALA A 54 27.26 2.37 11.12
N ALA A 55 26.65 1.40 10.42
CA ALA A 55 25.20 1.14 10.51
C ALA A 55 24.78 0.61 11.88
N VAL A 56 25.57 -0.33 12.42
CA VAL A 56 25.32 -0.91 13.76
C VAL A 56 25.51 0.16 14.84
N LYS A 57 26.61 0.92 14.76
CA LYS A 57 26.87 2.08 15.65
C LYS A 57 25.75 3.13 15.63
N TRP A 58 25.25 3.42 14.42
CA TRP A 58 24.12 4.35 14.21
C TRP A 58 22.83 3.82 14.86
N ALA A 59 22.49 2.58 14.52
CA ALA A 59 21.28 1.90 15.01
C ALA A 59 21.16 1.87 16.54
N LYS A 60 22.27 1.61 17.22
CA LYS A 60 22.33 1.64 18.69
C LYS A 60 22.11 3.04 19.30
N ALA A 61 22.47 4.10 18.56
CA ALA A 61 22.17 5.50 18.93
C ALA A 61 20.75 6.04 18.57
N ILE A 62 19.93 5.25 17.88
CA ILE A 62 18.52 5.63 17.57
C ILE A 62 17.69 5.62 18.86
N PRO A 63 16.94 6.71 19.16
CA PRO A 63 16.01 6.67 20.31
C PRO A 63 14.93 5.59 20.19
N GLY A 64 14.73 4.83 21.27
CA GLY A 64 13.86 3.66 21.27
C GLY A 64 14.55 2.33 21.01
N PHE A 65 15.58 2.32 20.15
CA PHE A 65 16.21 1.07 19.71
C PHE A 65 16.96 0.35 20.83
N ARG A 66 17.73 1.11 21.61
CA ARG A 66 18.40 0.62 22.83
C ARG A 66 17.43 0.04 23.87
N ASN A 67 16.23 0.62 23.98
CA ASN A 67 15.17 0.14 24.90
C ASN A 67 14.52 -1.19 24.51
N LEU A 68 14.70 -1.65 23.27
CA LEU A 68 14.30 -3.00 22.86
C LEU A 68 15.22 -4.06 23.48
N HIS A 69 14.78 -5.31 23.42
CA HIS A 69 15.58 -6.47 23.85
C HIS A 69 16.77 -6.67 22.90
N LEU A 70 17.91 -7.14 23.43
CA LEU A 70 19.14 -7.29 22.60
C LEU A 70 18.97 -8.30 21.45
N ASP A 71 18.22 -9.38 21.70
CA ASP A 71 17.85 -10.34 20.64
C ASP A 71 16.94 -9.71 19.54
N ASP A 72 16.07 -8.77 19.93
CA ASP A 72 15.29 -7.96 18.96
C ASP A 72 16.18 -6.99 18.19
N GLN A 73 17.07 -6.28 18.90
CA GLN A 73 18.04 -5.34 18.30
C GLN A 73 18.93 -5.98 17.24
N MET A 74 19.51 -7.12 17.59
CA MET A 74 20.41 -7.87 16.68
C MET A 74 19.66 -8.53 15.52
N THR A 75 18.37 -8.83 15.69
CA THR A 75 17.51 -9.35 14.61
C THR A 75 17.20 -8.29 13.56
N LEU A 76 16.78 -7.10 14.02
CA LEU A 76 16.42 -5.99 13.12
C LEU A 76 17.59 -5.58 12.21
N LEU A 77 18.78 -5.43 12.79
CA LEU A 77 20.01 -5.18 12.02
C LEU A 77 20.41 -6.28 11.02
N GLN A 78 20.12 -7.53 11.37
CA GLN A 78 20.37 -8.67 10.48
C GLN A 78 19.48 -8.67 9.24
N TYR A 79 18.20 -8.35 9.43
CA TYR A 79 17.29 -8.15 8.31
C TYR A 79 17.62 -6.88 7.51
N SER A 80 17.87 -5.77 8.22
CA SER A 80 17.82 -4.41 7.62
C SER A 80 19.15 -3.76 7.16
N TRP A 81 20.29 -4.44 7.25
CA TRP A 81 21.59 -3.83 6.90
C TRP A 81 21.67 -3.36 5.44
N MET A 82 21.22 -4.21 4.50
CA MET A 82 21.22 -3.86 3.07
C MET A 82 20.22 -2.76 2.69
N TYR A 83 19.09 -2.71 3.40
CA TYR A 83 18.09 -1.66 3.27
C TYR A 83 18.73 -0.29 3.57
N LEU A 84 19.47 -0.22 4.66
CA LEU A 84 20.07 1.05 5.12
C LEU A 84 21.15 1.58 4.19
N MET A 85 22.08 0.69 3.81
CA MET A 85 23.19 1.04 2.92
C MET A 85 22.73 1.45 1.52
N ALA A 86 21.78 0.69 0.96
CA ALA A 86 21.23 0.97 -0.39
C ALA A 86 20.35 2.23 -0.44
N PHE A 87 19.68 2.56 0.67
CA PHE A 87 18.90 3.79 0.78
C PHE A 87 19.81 5.03 0.89
N ALA A 88 20.81 4.93 1.76
CA ALA A 88 21.87 5.96 1.90
C ALA A 88 22.63 6.19 0.60
N LEU A 89 22.96 5.10 -0.12
CA LEU A 89 23.55 5.17 -1.46
C LEU A 89 22.68 5.95 -2.43
N GLY A 90 21.37 5.69 -2.36
CA GLY A 90 20.37 6.45 -3.10
C GLY A 90 20.38 7.94 -2.81
N TRP A 91 20.46 8.29 -1.52
CA TRP A 91 20.52 9.68 -1.08
C TRP A 91 21.77 10.43 -1.55
N ARG A 92 22.95 9.80 -1.38
CA ARG A 92 24.21 10.39 -1.81
C ARG A 92 24.25 10.60 -3.33
N SER A 93 23.88 9.56 -4.06
CA SER A 93 23.71 9.63 -5.51
C SER A 93 22.72 10.70 -6.01
N TYR A 94 21.65 10.90 -5.23
CA TYR A 94 20.65 11.95 -5.47
C TYR A 94 21.28 13.33 -5.22
N ARG A 95 21.83 13.52 -4.02
CA ARG A 95 22.42 14.80 -3.63
C ARG A 95 23.67 15.24 -4.39
N GLN A 96 24.43 14.28 -4.96
CA GLN A 96 25.57 14.63 -5.81
C GLN A 96 25.18 14.80 -7.28
N SER A 97 24.91 13.68 -7.96
CA SER A 97 24.74 13.65 -9.42
C SER A 97 23.30 13.81 -9.96
N SER A 98 22.30 13.80 -9.08
CA SER A 98 20.86 13.79 -9.45
C SER A 98 20.46 12.47 -10.17
N ALA A 99 20.78 11.34 -9.53
CA ALA A 99 20.37 9.98 -9.97
C ALA A 99 20.92 9.49 -11.35
N ASN A 100 22.04 10.06 -11.79
CA ASN A 100 22.78 9.62 -13.01
C ASN A 100 23.93 8.66 -12.69
N LEU A 101 24.65 8.94 -11.60
CA LEU A 101 25.83 8.21 -11.14
C LEU A 101 25.57 7.52 -9.80
N LEU A 102 26.24 6.39 -9.57
CA LEU A 102 26.22 5.68 -8.27
C LEU A 102 27.36 6.20 -7.39
N CYS A 103 27.02 7.04 -6.42
CA CYS A 103 28.00 7.70 -5.55
C CYS A 103 28.21 6.91 -4.27
N PHE A 104 29.00 5.85 -4.39
CA PHE A 104 29.34 4.97 -3.24
C PHE A 104 30.10 5.71 -2.16
N ALA A 105 31.09 6.49 -2.59
CA ALA A 105 31.80 7.46 -1.75
C ALA A 105 32.21 8.67 -2.62
N PRO A 106 32.61 9.81 -2.00
CA PRO A 106 33.05 10.98 -2.80
C PRO A 106 34.24 10.76 -3.74
N ASP A 107 35.10 9.78 -3.42
CA ASP A 107 36.22 9.34 -4.29
C ASP A 107 35.98 7.98 -4.99
N LEU A 108 34.72 7.57 -5.13
CA LEU A 108 34.33 6.32 -5.81
C LEU A 108 32.92 6.46 -6.40
N ILE A 109 32.85 7.24 -7.48
CA ILE A 109 31.62 7.50 -8.21
C ILE A 109 31.67 6.68 -9.48
N ILE A 110 30.71 5.78 -9.64
CA ILE A 110 30.64 4.82 -10.74
C ILE A 110 29.53 5.27 -11.68
N ASN A 111 29.89 5.48 -12.96
CA ASN A 111 28.93 5.74 -14.02
C ASN A 111 28.24 4.42 -14.41
N GLU A 112 26.97 4.51 -14.80
CA GLU A 112 26.20 3.32 -15.23
C GLU A 112 26.74 2.71 -16.53
N GLN A 113 27.15 3.56 -17.48
CA GLN A 113 27.76 3.12 -18.76
C GLN A 113 29.13 2.44 -18.60
N ARG A 114 29.86 2.74 -17.52
CA ARG A 114 31.09 2.01 -17.13
C ARG A 114 30.83 0.52 -16.83
N MET A 115 29.73 0.21 -16.14
CA MET A 115 29.33 -1.19 -15.81
C MET A 115 28.51 -1.82 -16.97
N THR A 116 29.21 -2.09 -18.07
CA THR A 116 28.59 -2.64 -19.30
C THR A 116 28.01 -4.06 -19.18
N LEU A 117 28.52 -4.88 -18.25
CA LEU A 117 28.06 -6.29 -18.09
C LEU A 117 26.60 -6.35 -17.69
N PRO A 118 25.78 -7.20 -18.35
CA PRO A 118 24.34 -7.22 -18.06
C PRO A 118 24.00 -7.51 -16.59
N ASP A 119 24.65 -8.50 -15.99
CA ASP A 119 24.40 -8.88 -14.58
C ASP A 119 24.77 -7.77 -13.56
N MET A 120 25.84 -7.02 -13.84
CA MET A 120 26.22 -5.84 -13.05
C MET A 120 25.31 -4.64 -13.32
N TYR A 121 25.02 -4.39 -14.60
CA TYR A 121 24.12 -3.32 -15.06
C TYR A 121 22.72 -3.41 -14.44
N ASP A 122 22.15 -4.61 -14.51
CA ASP A 122 20.86 -4.94 -13.85
C ASP A 122 20.75 -4.51 -12.37
N GLN A 123 21.84 -4.71 -11.62
CA GLN A 123 21.90 -4.35 -10.19
C GLN A 123 22.11 -2.85 -9.99
N CYS A 124 22.94 -2.23 -10.82
CA CYS A 124 23.09 -0.76 -10.85
C CYS A 124 21.77 -0.01 -11.12
N LYS A 125 20.91 -0.57 -11.98
CA LYS A 125 19.54 -0.06 -12.18
C LYS A 125 18.68 -0.12 -10.91
N HIS A 126 18.76 -1.24 -10.19
CA HIS A 126 18.05 -1.40 -8.92
C HIS A 126 18.49 -0.35 -7.89
N MET A 127 19.81 -0.13 -7.81
CA MET A 127 20.38 0.91 -6.93
C MET A 127 20.06 2.33 -7.39
N LEU A 128 20.09 2.55 -8.71
CA LEU A 128 19.70 3.85 -9.31
C LEU A 128 18.21 4.17 -9.20
N TYR A 129 17.35 3.14 -9.20
CA TYR A 129 15.91 3.31 -8.91
C TYR A 129 15.66 4.08 -7.62
N VAL A 130 16.42 3.78 -6.56
CA VAL A 130 16.25 4.41 -5.24
C VAL A 130 16.57 5.91 -5.35
N SER A 131 17.68 6.25 -6.01
CA SER A 131 18.08 7.64 -6.23
C SER A 131 17.10 8.40 -7.15
N SER A 132 16.62 7.73 -8.20
CA SER A 132 15.61 8.27 -9.13
C SER A 132 14.32 8.69 -8.43
N GLU A 133 13.83 7.83 -7.54
CA GLU A 133 12.61 8.10 -6.76
C GLU A 133 12.81 9.20 -5.73
N LEU A 134 13.97 9.22 -5.07
CA LEU A 134 14.38 10.36 -4.22
C LEU A 134 14.45 11.68 -5.00
N HIS A 135 14.96 11.62 -6.23
CA HIS A 135 14.95 12.77 -7.15
C HIS A 135 13.53 13.18 -7.59
N ARG A 136 12.73 12.20 -8.02
CA ARG A 136 11.35 12.44 -8.50
C ARG A 136 10.47 13.10 -7.44
N LEU A 137 10.48 12.53 -6.24
CA LEU A 137 9.70 13.04 -5.10
C LEU A 137 10.34 14.23 -4.34
N GLN A 138 11.57 14.63 -4.70
CA GLN A 138 12.25 15.84 -4.17
C GLN A 138 12.36 15.78 -2.64
N VAL A 139 12.92 14.68 -2.16
CA VAL A 139 12.87 14.31 -0.75
C VAL A 139 13.75 15.24 0.08
N SER A 140 13.19 15.74 1.18
CA SER A 140 13.92 16.55 2.17
C SER A 140 14.92 15.71 2.95
N TYR A 141 15.91 16.38 3.53
CA TYR A 141 16.90 15.71 4.38
C TYR A 141 16.26 15.16 5.67
N GLU A 142 15.34 15.93 6.26
CA GLU A 142 14.55 15.46 7.42
C GLU A 142 13.63 14.28 7.08
N GLU A 143 13.04 14.28 5.88
CA GLU A 143 12.22 13.15 5.41
C GLU A 143 13.04 11.87 5.23
N TYR A 144 14.20 12.01 4.57
CA TYR A 144 15.21 10.93 4.43
C TYR A 144 15.60 10.31 5.77
N LEU A 145 15.85 11.15 6.77
CA LEU A 145 16.26 10.68 8.11
C LEU A 145 15.22 9.81 8.81
N CYS A 146 13.95 10.22 8.73
CA CYS A 146 12.82 9.44 9.29
C CYS A 146 12.59 8.16 8.50
N MET A 147 12.54 8.30 7.17
CA MET A 147 12.45 7.18 6.23
C MET A 147 13.51 6.11 6.42
N LYS A 148 14.76 6.55 6.61
CA LYS A 148 15.88 5.63 6.88
C LYS A 148 15.73 4.88 8.21
N THR A 149 15.25 5.58 9.24
CA THR A 149 14.92 4.98 10.55
C THR A 149 13.80 3.92 10.43
N LEU A 150 12.79 4.18 9.60
CA LEU A 150 11.72 3.19 9.35
C LEU A 150 12.17 1.94 8.59
N LEU A 151 13.25 2.03 7.80
CA LEU A 151 13.84 0.86 7.13
C LEU A 151 14.55 -0.11 8.08
N LEU A 152 15.14 0.41 9.16
CA LEU A 152 15.58 -0.43 10.30
C LEU A 152 14.42 -1.24 10.89
N LEU A 153 13.26 -0.59 11.00
CA LEU A 153 12.02 -1.15 11.58
C LEU A 153 11.00 -1.66 10.53
N SER A 154 11.49 -2.16 9.38
CA SER A 154 10.65 -2.58 8.23
C SER A 154 10.39 -4.08 8.09
N SER A 155 11.14 -4.92 8.81
CA SER A 155 11.00 -6.39 8.79
C SER A 155 11.07 -6.96 10.21
N VAL A 156 10.24 -7.99 10.45
CA VAL A 156 9.99 -8.58 11.78
C VAL A 156 9.94 -10.11 11.57
N PRO A 157 10.35 -10.92 12.60
CA PRO A 157 10.13 -12.37 12.49
C PRO A 157 8.63 -12.78 12.48
N LYS A 158 8.33 -13.93 11.88
CA LYS A 158 6.93 -14.39 11.70
C LYS A 158 6.24 -14.68 13.03
N ASP A 159 6.89 -15.52 13.85
CA ASP A 159 6.46 -15.80 15.24
C ASP A 159 6.38 -14.53 16.13
N GLY A 160 7.33 -13.62 15.95
CA GLY A 160 7.32 -12.27 16.56
C GLY A 160 8.56 -11.94 17.39
N LEU A 161 8.66 -10.67 17.76
CA LEU A 161 9.71 -10.18 18.69
C LEU A 161 9.33 -10.44 20.15
N LYS A 162 10.34 -10.35 21.01
CA LYS A 162 10.16 -10.44 22.46
C LYS A 162 9.45 -9.18 22.98
N SER A 163 10.05 -8.01 22.72
CA SER A 163 9.48 -6.70 23.06
C SER A 163 8.68 -6.13 21.87
N GLN A 164 7.60 -6.84 21.53
CA GLN A 164 6.79 -6.56 20.33
C GLN A 164 5.90 -5.32 20.46
N ALA A 165 5.32 -5.10 21.65
CA ALA A 165 4.46 -3.92 21.91
C ALA A 165 5.25 -2.60 21.94
N LEU A 166 6.47 -2.64 22.47
CA LEU A 166 7.38 -1.48 22.47
C LEU A 166 7.87 -1.12 21.06
N PHE A 167 8.18 -2.14 20.25
CA PHE A 167 8.53 -1.98 18.82
C PHE A 167 7.46 -1.21 18.04
N ASP A 168 6.21 -1.64 18.18
CA ASP A 168 5.04 -1.00 17.54
C ASP A 168 4.92 0.49 17.87
N ALA A 169 5.13 0.82 19.15
CA ALA A 169 5.14 2.21 19.61
C ALA A 169 6.33 3.02 19.10
N ILE A 170 7.51 2.38 19.02
CA ILE A 170 8.71 2.98 18.41
C ILE A 170 8.51 3.23 16.91
N ARG A 171 7.94 2.25 16.21
CA ARG A 171 7.65 2.39 14.76
C ARG A 171 6.65 3.51 14.48
N MET A 172 5.55 3.54 15.24
CA MET A 172 4.47 4.53 15.03
C MET A 172 4.87 5.97 15.35
N THR A 173 5.78 6.18 16.30
CA THR A 173 6.31 7.53 16.57
C THR A 173 7.20 8.02 15.43
N TYR A 174 8.03 7.13 14.86
CA TYR A 174 8.83 7.48 13.67
C TYR A 174 7.99 7.66 12.40
N ILE A 175 6.85 6.95 12.31
CA ILE A 175 5.82 7.24 11.27
C ILE A 175 5.24 8.66 11.46
N LYS A 176 4.91 9.02 12.69
CA LYS A 176 4.43 10.38 13.01
C LYS A 176 5.51 11.46 12.72
N GLU A 177 6.76 11.13 13.02
CA GLU A 177 7.89 12.03 12.75
C GLU A 177 8.14 12.27 11.25
N LEU A 178 7.86 11.26 10.41
CA LEU A 178 7.84 11.44 8.94
C LEU A 178 6.75 12.44 8.52
N GLY A 179 5.55 12.23 9.07
CA GLY A 179 4.42 13.16 8.91
C GLY A 179 4.75 14.60 9.27
N LYS A 180 5.47 14.79 10.38
CA LYS A 180 5.94 16.13 10.79
C LYS A 180 6.92 16.74 9.79
N ALA A 181 7.84 15.93 9.28
CA ALA A 181 8.78 16.34 8.21
C ALA A 181 8.11 16.69 6.88
N ILE A 182 6.98 16.05 6.57
CA ILE A 182 6.15 16.40 5.40
C ILE A 182 5.48 17.78 5.55
N VAL A 183 4.96 18.08 6.74
CA VAL A 183 4.28 19.37 7.05
C VAL A 183 5.19 20.60 6.86
N LYS A 184 6.49 20.45 7.17
CA LYS A 184 7.47 21.54 7.00
C LYS A 184 7.74 22.00 5.55
N ARG A 185 7.34 21.21 4.55
CA ARG A 185 7.53 21.55 3.13
C ARG A 185 6.68 22.73 2.65
N GLU A 186 5.39 22.67 2.93
CA GLU A 186 4.44 23.72 2.50
C GLU A 186 3.15 23.73 3.34
N GLY A 187 2.30 22.72 3.13
CA GLY A 187 0.95 22.67 3.70
C GLY A 187 -0.06 21.99 2.80
N ASN A 188 -1.32 22.01 3.26
CA ASN A 188 -2.52 21.43 2.63
C ASN A 188 -2.65 19.92 2.94
N SER A 189 -3.75 19.55 3.60
CA SER A 189 -4.07 18.15 3.99
C SER A 189 -4.07 17.13 2.83
N SER A 190 -4.57 17.57 1.67
CA SER A 190 -4.57 16.76 0.45
C SER A 190 -3.16 16.47 -0.04
N GLN A 191 -2.37 17.53 -0.17
CA GLN A 191 -0.96 17.44 -0.62
C GLN A 191 -0.08 16.61 0.31
N ASN A 192 -0.28 16.74 1.63
CA ASN A 192 0.44 15.94 2.63
C ASN A 192 0.11 14.45 2.57
N SER A 193 -1.19 14.13 2.54
CA SER A 193 -1.67 12.75 2.47
C SER A 193 -1.14 12.00 1.26
N GLN A 194 -1.24 12.65 0.09
CA GLN A 194 -0.66 12.17 -1.17
C GLN A 194 0.86 11.96 -1.08
N ARG A 195 1.57 12.88 -0.42
CA ARG A 195 3.02 12.77 -0.27
C ARG A 195 3.40 11.64 0.66
N PHE A 196 2.75 11.56 1.81
CA PHE A 196 2.89 10.43 2.73
C PHE A 196 2.62 9.07 2.05
N TYR A 197 1.67 9.04 1.11
CA TYR A 197 1.42 7.86 0.24
C TYR A 197 2.64 7.53 -0.60
N GLN A 198 3.13 8.54 -1.34
CA GLN A 198 4.30 8.39 -2.24
C GLN A 198 5.57 7.92 -1.53
N LEU A 199 5.84 8.47 -0.34
CA LEU A 199 7.04 8.11 0.42
C LEU A 199 6.96 6.71 1.05
N THR A 200 5.78 6.34 1.56
CA THR A 200 5.55 4.97 2.02
C THR A 200 5.57 3.91 0.89
N LYS A 201 5.11 4.30 -0.31
CA LYS A 201 5.20 3.41 -1.49
C LYS A 201 6.66 3.13 -1.90
N LEU A 202 7.55 4.12 -1.73
CA LEU A 202 8.99 3.94 -1.92
C LEU A 202 9.60 2.98 -0.91
N LEU A 203 9.31 3.21 0.38
CA LEU A 203 9.72 2.32 1.48
C LEU A 203 9.24 0.87 1.29
N ASP A 204 8.01 0.70 0.78
CA ASP A 204 7.48 -0.61 0.40
C ASP A 204 8.30 -1.27 -0.71
N SER A 205 8.63 -0.49 -1.74
CA SER A 205 9.42 -1.00 -2.88
C SER A 205 10.86 -1.40 -2.52
N MET A 206 11.41 -0.88 -1.42
CA MET A 206 12.76 -1.29 -0.93
C MET A 206 12.90 -2.79 -0.58
N HIS A 207 11.79 -3.45 -0.24
CA HIS A 207 11.78 -4.92 -0.05
C HIS A 207 12.16 -5.65 -1.34
N GLU A 208 11.57 -5.24 -2.47
CA GLU A 208 11.89 -5.81 -3.79
C GLU A 208 13.30 -5.45 -4.28
N VAL A 209 13.77 -4.25 -3.97
CA VAL A 209 15.13 -3.78 -4.32
C VAL A 209 16.19 -4.62 -3.60
N VAL A 210 16.05 -4.70 -2.28
CA VAL A 210 16.98 -5.45 -1.41
C VAL A 210 16.98 -6.96 -1.68
N GLU A 211 15.82 -7.53 -2.02
CA GLU A 211 15.72 -8.95 -2.41
C GLU A 211 16.62 -9.27 -3.62
N ASN A 212 16.70 -8.35 -4.58
CA ASN A 212 17.59 -8.48 -5.75
C ASN A 212 19.06 -8.34 -5.37
N LEU A 213 19.38 -7.28 -4.63
CA LEU A 213 20.76 -6.99 -4.22
C LEU A 213 21.35 -8.09 -3.32
N LEU A 214 20.54 -8.61 -2.39
CA LEU A 214 20.95 -9.74 -1.54
C LEU A 214 21.14 -11.02 -2.35
N ASN A 215 20.21 -11.32 -3.25
CA ASN A 215 20.32 -12.47 -4.20
C ASN A 215 21.65 -12.46 -4.97
N TYR A 216 22.06 -11.26 -5.36
CA TYR A 216 23.30 -11.03 -6.13
C TYR A 216 24.60 -11.28 -5.34
N CYS A 217 24.61 -10.94 -4.04
CA CYS A 217 25.83 -11.00 -3.21
C CYS A 217 25.86 -12.00 -2.06
N PHE A 218 24.73 -12.59 -1.65
CA PHE A 218 24.70 -13.50 -0.48
C PHE A 218 25.59 -14.73 -0.70
N GLN A 219 26.37 -15.10 0.32
CA GLN A 219 27.16 -16.34 0.32
C GLN A 219 26.83 -17.34 1.46
N THR A 220 25.76 -17.06 2.23
CA THR A 220 25.19 -17.99 3.21
C THR A 220 23.66 -17.76 3.28
N PHE A 221 22.91 -18.85 3.11
CA PHE A 221 21.45 -18.87 3.30
C PHE A 221 21.15 -19.49 4.67
N LEU A 222 20.41 -18.75 5.51
CA LEU A 222 19.95 -19.23 6.82
C LEU A 222 18.43 -19.21 6.89
N ASP A 223 17.88 -20.14 7.68
CA ASP A 223 16.42 -20.30 7.78
C ASP A 223 15.86 -19.20 8.69
N LYS A 224 16.37 -19.14 9.92
CA LYS A 224 16.01 -18.14 10.91
C LYS A 224 17.18 -17.22 11.21
N THR A 225 16.87 -16.14 11.93
CA THR A 225 17.86 -15.17 12.42
C THR A 225 18.76 -15.81 13.48
N MET A 226 20.03 -15.39 13.50
CA MET A 226 21.00 -15.81 14.54
C MET A 226 20.83 -14.97 15.79
N SER A 227 20.81 -15.60 16.96
CA SER A 227 20.58 -14.90 18.26
C SER A 227 21.85 -14.28 18.93
N ILE A 228 22.39 -13.27 18.28
CA ILE A 228 23.65 -12.60 18.70
C ILE A 228 23.34 -11.61 19.84
N GLU A 229 24.31 -11.40 20.74
CA GLU A 229 24.26 -10.42 21.83
C GLU A 229 25.03 -9.12 21.57
N PHE A 230 26.24 -9.23 21.00
CA PHE A 230 27.24 -8.14 20.99
C PHE A 230 27.49 -7.50 19.60
N PRO A 231 27.58 -6.14 19.53
CA PRO A 231 27.78 -5.49 18.22
C PRO A 231 29.12 -5.78 17.52
N GLU A 232 30.18 -6.07 18.28
CA GLU A 232 31.48 -6.47 17.70
C GLU A 232 31.38 -7.81 16.96
N MET A 233 30.50 -8.70 17.44
CA MET A 233 30.28 -10.02 16.85
C MET A 233 29.38 -9.86 15.63
N LEU A 234 28.22 -9.18 15.79
CA LEU A 234 27.25 -8.90 14.71
C LEU A 234 27.85 -8.42 13.39
N ALA A 235 28.65 -7.36 13.50
CA ALA A 235 29.29 -6.74 12.35
C ALA A 235 30.18 -7.70 11.57
N GLU A 236 30.94 -8.51 12.30
CA GLU A 236 31.76 -9.58 11.71
C GLU A 236 30.93 -10.71 11.10
N ILE A 237 29.78 -11.04 11.70
CA ILE A 237 28.89 -12.10 11.17
C ILE A 237 28.29 -11.66 9.82
N ILE A 238 27.78 -10.43 9.77
CA ILE A 238 27.23 -9.85 8.53
C ILE A 238 28.33 -9.74 7.44
N THR A 239 29.50 -9.22 7.82
CA THR A 239 30.59 -8.93 6.87
C THR A 239 31.17 -10.19 6.22
N ASN A 240 31.56 -11.18 7.03
CA ASN A 240 32.28 -12.37 6.52
C ASN A 240 31.43 -13.32 5.67
N GLN A 241 30.15 -13.49 6.05
CA GLN A 241 29.26 -14.47 5.39
C GLN A 241 28.06 -13.90 4.63
N ILE A 242 27.73 -12.60 4.79
CA ILE A 242 26.74 -11.89 3.94
C ILE A 242 25.40 -12.65 3.94
N PRO A 243 24.71 -12.68 5.10
CA PRO A 243 23.58 -13.56 5.27
C PRO A 243 22.31 -13.10 4.55
N LYS A 244 21.66 -14.05 3.88
CA LYS A 244 20.30 -13.91 3.38
C LYS A 244 19.43 -14.80 4.26
N TYR A 245 18.41 -14.21 4.88
CA TYR A 245 17.49 -14.93 5.76
C TYR A 245 16.22 -15.26 4.97
N SER A 246 15.67 -16.45 5.20
CA SER A 246 14.57 -16.99 4.39
C SER A 246 13.28 -16.17 4.57
N ASN A 247 12.58 -15.95 3.45
CA ASN A 247 11.39 -15.09 3.41
C ASN A 247 10.19 -15.66 4.17
N GLY A 248 10.08 -16.99 4.20
CA GLY A 248 9.02 -17.70 4.93
C GLY A 248 8.86 -17.37 6.41
N ASN A 249 9.98 -17.06 7.09
CA ASN A 249 9.99 -16.67 8.51
C ASN A 249 10.11 -15.15 8.80
N ILE A 250 9.89 -14.31 7.78
CA ILE A 250 9.96 -12.84 7.91
C ILE A 250 8.60 -12.27 7.54
N LYS A 251 8.00 -11.51 8.47
CA LYS A 251 6.89 -10.61 8.18
C LYS A 251 7.50 -9.30 7.64
N LYS A 252 7.57 -9.18 6.32
CA LYS A 252 7.98 -7.93 5.65
C LYS A 252 6.84 -6.93 5.76
N LEU A 253 6.99 -5.95 6.65
CA LEU A 253 5.95 -4.94 6.94
C LEU A 253 5.78 -3.99 5.76
N LEU A 254 4.52 -3.78 5.37
CA LEU A 254 4.15 -2.93 4.22
C LEU A 254 3.06 -1.94 4.66
N PHE A 255 3.22 -0.69 4.25
CA PHE A 255 2.17 0.31 4.41
C PHE A 255 0.96 0.07 3.47
N HIS A 256 1.18 -0.56 2.31
CA HIS A 256 0.12 -0.87 1.32
C HIS A 256 0.31 -2.29 0.74
N GLN A 257 -0.81 -3.01 0.56
CA GLN A 257 -0.80 -4.37 -0.05
C GLN A 257 -0.43 -4.33 -1.53
N PRO B 11 -4.75 -23.13 -3.33
CA PRO B 11 -4.78 -21.82 -2.69
C PRO B 11 -6.16 -21.46 -2.11
N THR B 12 -6.15 -20.67 -1.03
CA THR B 12 -7.38 -20.32 -0.30
C THR B 12 -8.26 -19.35 -1.09
N LEU B 13 -9.55 -19.34 -0.79
CA LEU B 13 -10.51 -18.46 -1.47
C LEU B 13 -10.28 -16.96 -1.19
N VAL B 14 -9.81 -16.61 0.02
CA VAL B 14 -9.36 -15.23 0.33
C VAL B 14 -8.17 -14.77 -0.51
N SER B 15 -7.17 -15.64 -0.69
CA SER B 15 -5.99 -15.33 -1.50
C SER B 15 -6.32 -15.22 -2.99
N ALA B 16 -7.35 -15.94 -3.45
CA ALA B 16 -7.91 -15.76 -4.79
C ALA B 16 -8.58 -14.39 -4.95
N LEU B 17 -9.32 -13.96 -3.93
CA LEU B 17 -9.88 -12.59 -3.87
C LEU B 17 -8.79 -11.49 -3.78
N GLU B 18 -7.70 -11.80 -3.06
CA GLU B 18 -6.54 -10.89 -2.95
C GLU B 18 -5.79 -10.70 -4.29
N THR B 19 -5.59 -11.78 -5.04
CA THR B 19 -4.86 -11.72 -6.33
C THR B 19 -5.65 -10.99 -7.43
N ILE B 20 -6.93 -11.30 -7.56
CA ILE B 20 -7.82 -10.62 -8.53
C ILE B 20 -8.12 -9.14 -8.22
N GLU B 21 -7.85 -8.69 -6.99
CA GLU B 21 -8.02 -7.27 -6.61
C GLU B 21 -7.05 -6.39 -7.42
N PRO B 22 -7.57 -5.41 -8.19
CA PRO B 22 -6.71 -4.73 -9.15
C PRO B 22 -5.77 -3.73 -8.50
N GLU B 23 -4.76 -3.31 -9.28
CA GLU B 23 -3.87 -2.22 -8.87
C GLU B 23 -4.67 -0.92 -8.82
N VAL B 24 -4.32 -0.06 -7.88
CA VAL B 24 -4.98 1.25 -7.71
C VAL B 24 -4.78 2.12 -8.95
N LEU B 25 -5.86 2.73 -9.43
CA LEU B 25 -5.82 3.64 -10.58
C LEU B 25 -5.41 5.03 -10.09
N TYR B 26 -4.56 5.70 -10.87
CA TYR B 26 -4.18 7.10 -10.65
C TYR B 26 -5.05 8.01 -11.51
N ALA B 27 -5.37 9.18 -10.98
CA ALA B 27 -6.23 10.16 -11.65
C ALA B 27 -5.60 10.85 -12.86
N GLY B 28 -4.29 11.10 -12.79
CA GLY B 28 -3.57 11.91 -13.80
C GLY B 28 -3.96 13.36 -13.64
N TYR B 29 -3.65 13.91 -12.46
CA TYR B 29 -4.10 15.25 -12.03
C TYR B 29 -2.93 16.04 -11.43
N ASP B 30 -2.75 17.28 -11.88
CA ASP B 30 -1.69 18.19 -11.41
C ASP B 30 -2.20 18.99 -10.21
N SER B 31 -1.66 18.69 -9.01
CA SER B 31 -2.03 19.37 -7.76
C SER B 31 -1.25 20.66 -7.47
N SER B 32 -0.02 20.78 -8.00
CA SER B 32 0.80 22.01 -7.85
C SER B 32 0.20 23.28 -8.49
N VAL B 33 -0.62 23.10 -9.53
CA VAL B 33 -1.39 24.20 -10.16
C VAL B 33 -2.55 24.57 -9.19
N PRO B 34 -3.00 25.87 -9.19
CA PRO B 34 -4.20 26.22 -8.39
C PRO B 34 -5.50 25.50 -8.81
N ASP B 35 -6.35 25.27 -7.82
CA ASP B 35 -7.54 24.41 -7.95
C ASP B 35 -8.57 24.93 -8.97
N SER B 36 -8.97 24.05 -9.89
CA SER B 36 -10.10 24.27 -10.78
C SER B 36 -11.10 23.13 -10.56
N THR B 37 -12.27 23.45 -9.99
CA THR B 37 -13.34 22.47 -9.76
C THR B 37 -13.87 21.88 -11.07
N TRP B 38 -13.81 22.65 -12.17
CA TRP B 38 -14.07 22.09 -13.51
C TRP B 38 -13.15 20.89 -13.80
N ARG B 39 -11.85 21.11 -13.64
CA ARG B 39 -10.83 20.09 -13.94
C ARG B 39 -10.91 18.85 -13.05
N ILE B 40 -11.19 19.03 -11.75
CA ILE B 40 -11.44 17.93 -10.80
C ILE B 40 -12.60 17.04 -11.29
N MET B 41 -13.72 17.68 -11.63
CA MET B 41 -14.93 16.95 -12.04
C MET B 41 -14.77 16.24 -13.38
N THR B 42 -14.06 16.88 -14.32
CA THR B 42 -13.61 16.25 -15.59
C THR B 42 -12.74 15.01 -15.33
N THR B 43 -11.73 15.15 -14.47
CA THR B 43 -10.85 14.03 -14.08
C THR B 43 -11.61 12.89 -13.38
N LEU B 44 -12.51 13.24 -12.46
CA LEU B 44 -13.37 12.25 -11.76
C LEU B 44 -14.22 11.43 -12.73
N ASN B 45 -14.78 12.08 -13.75
CA ASN B 45 -15.60 11.41 -14.77
C ASN B 45 -14.77 10.41 -15.59
N MET B 46 -13.56 10.80 -15.99
CA MET B 46 -12.62 9.91 -16.66
C MET B 46 -12.20 8.73 -15.77
N LEU B 47 -11.98 9.01 -14.48
CA LEU B 47 -11.61 7.97 -13.50
C LEU B 47 -12.74 6.98 -13.27
N GLY B 48 -13.93 7.49 -13.02
CA GLY B 48 -15.14 6.66 -12.85
C GLY B 48 -15.43 5.69 -13.97
N GLY B 49 -15.16 6.10 -15.21
CA GLY B 49 -15.29 5.23 -16.39
C GLY B 49 -14.29 4.07 -16.37
N ARG B 50 -13.03 4.40 -16.06
CA ARG B 50 -11.97 3.41 -15.87
C ARG B 50 -12.21 2.43 -14.71
N GLN B 51 -12.82 2.92 -13.63
CA GLN B 51 -13.21 2.09 -12.47
C GLN B 51 -14.28 1.05 -12.80
N VAL B 52 -15.22 1.41 -13.68
CA VAL B 52 -16.25 0.48 -14.18
C VAL B 52 -15.63 -0.62 -15.06
N ILE B 53 -14.61 -0.30 -15.87
CA ILE B 53 -13.89 -1.33 -16.66
C ILE B 53 -13.25 -2.35 -15.69
N ALA B 54 -12.58 -1.82 -14.67
CA ALA B 54 -11.95 -2.63 -13.62
C ALA B 54 -12.93 -3.46 -12.78
N ALA B 55 -14.10 -2.90 -12.49
CA ALA B 55 -15.14 -3.58 -11.70
C ALA B 55 -15.74 -4.79 -12.43
N VAL B 56 -16.02 -4.62 -13.73
CA VAL B 56 -16.56 -5.70 -14.57
C VAL B 56 -15.51 -6.81 -14.75
N LYS B 57 -14.27 -6.42 -15.06
CA LYS B 57 -13.13 -7.35 -15.12
C LYS B 57 -12.89 -8.13 -13.83
N TRP B 58 -13.02 -7.46 -12.69
CA TRP B 58 -12.91 -8.06 -11.36
C TRP B 58 -14.03 -9.07 -11.10
N ALA B 59 -15.27 -8.62 -11.32
CA ALA B 59 -16.47 -9.43 -11.10
C ALA B 59 -16.48 -10.75 -11.87
N LYS B 60 -16.03 -10.71 -13.12
CA LYS B 60 -15.87 -11.92 -13.95
C LYS B 60 -14.80 -12.92 -13.43
N ALA B 61 -13.78 -12.40 -12.74
CA ALA B 61 -12.75 -13.22 -12.07
C ALA B 61 -13.11 -13.74 -10.65
N ILE B 62 -14.28 -13.35 -10.10
CA ILE B 62 -14.76 -13.86 -8.80
C ILE B 62 -15.15 -15.33 -8.96
N PRO B 63 -14.65 -16.23 -8.07
CA PRO B 63 -15.12 -17.63 -8.09
C PRO B 63 -16.62 -17.77 -7.83
N GLY B 64 -17.29 -18.57 -8.65
CA GLY B 64 -18.75 -18.70 -8.66
C GLY B 64 -19.48 -17.81 -9.65
N PHE B 65 -18.97 -16.60 -9.90
CA PHE B 65 -19.68 -15.60 -10.71
C PHE B 65 -19.79 -16.01 -12.18
N ARG B 66 -18.67 -16.49 -12.75
CA ARG B 66 -18.65 -17.06 -14.11
C ARG B 66 -19.61 -18.26 -14.29
N ASN B 67 -19.77 -19.07 -13.24
CA ASN B 67 -20.69 -20.23 -13.24
C ASN B 67 -22.19 -19.89 -13.24
N LEU B 68 -22.55 -18.64 -12.93
CA LEU B 68 -23.93 -18.15 -13.10
C LEU B 68 -24.26 -17.96 -14.58
N HIS B 69 -25.55 -17.80 -14.87
CA HIS B 69 -26.05 -17.50 -16.22
C HIS B 69 -25.63 -16.08 -16.62
N LEU B 70 -25.36 -15.87 -17.91
CA LEU B 70 -24.87 -14.55 -18.39
C LEU B 70 -25.87 -13.41 -18.16
N ASP B 71 -27.16 -13.69 -18.30
CA ASP B 71 -28.22 -12.72 -17.94
C ASP B 71 -28.27 -12.41 -16.42
N ASP B 72 -27.95 -13.38 -15.57
CA ASP B 72 -27.75 -13.14 -14.12
C ASP B 72 -26.49 -12.31 -13.84
N GLN B 73 -25.37 -12.67 -14.50
CA GLN B 73 -24.09 -11.94 -14.39
C GLN B 73 -24.20 -10.46 -14.74
N MET B 74 -24.81 -10.19 -15.90
CA MET B 74 -25.03 -8.82 -16.38
C MET B 74 -26.03 -8.02 -15.54
N THR B 75 -26.98 -8.70 -14.90
CA THR B 75 -27.95 -8.07 -13.98
C THR B 75 -27.29 -7.62 -12.67
N LEU B 76 -26.51 -8.50 -12.06
CA LEU B 76 -25.85 -8.22 -10.78
C LEU B 76 -24.91 -7.01 -10.86
N LEU B 77 -24.07 -6.96 -11.90
CA LEU B 77 -23.23 -5.79 -12.18
C LEU B 77 -23.98 -4.49 -12.47
N GLN B 78 -25.15 -4.59 -13.10
CA GLN B 78 -26.01 -3.43 -13.37
C GLN B 78 -26.57 -2.80 -12.09
N TYR B 79 -27.02 -3.65 -11.16
CA TYR B 79 -27.44 -3.19 -9.84
C TYR B 79 -26.26 -2.71 -8.99
N SER B 80 -25.16 -3.47 -8.98
CA SER B 80 -24.10 -3.35 -7.95
C SER B 80 -22.85 -2.49 -8.27
N TRP B 81 -22.76 -1.85 -9.44
CA TRP B 81 -21.52 -1.11 -9.82
C TRP B 81 -21.18 0.04 -8.86
N MET B 82 -22.18 0.84 -8.49
CA MET B 82 -21.98 1.97 -7.55
C MET B 82 -21.67 1.52 -6.12
N TYR B 83 -22.24 0.39 -5.71
CA TYR B 83 -21.92 -0.25 -4.42
C TYR B 83 -20.42 -0.54 -4.32
N LEU B 84 -19.87 -1.14 -5.39
CA LEU B 84 -18.47 -1.57 -5.40
C LEU B 84 -17.48 -0.39 -5.37
N MET B 85 -17.70 0.58 -6.24
CA MET B 85 -16.86 1.78 -6.33
C MET B 85 -16.88 2.64 -5.07
N ALA B 86 -18.07 2.85 -4.52
CA ALA B 86 -18.25 3.64 -3.29
C ALA B 86 -17.72 2.96 -2.02
N PHE B 87 -17.74 1.63 -1.99
CA PHE B 87 -17.16 0.84 -0.89
C PHE B 87 -15.63 0.86 -0.95
N ALA B 88 -15.09 0.64 -2.15
CA ALA B 88 -13.64 0.77 -2.41
C ALA B 88 -13.11 2.17 -2.11
N LEU B 89 -13.87 3.19 -2.49
CA LEU B 89 -13.59 4.60 -2.14
C LEU B 89 -13.49 4.80 -0.63
N GLY B 90 -14.43 4.17 0.08
CA GLY B 90 -14.41 4.12 1.54
C GLY B 90 -13.16 3.49 2.12
N TRP B 91 -12.74 2.36 1.54
CA TRP B 91 -11.52 1.66 1.97
C TRP B 91 -10.24 2.46 1.73
N ARG B 92 -10.10 3.05 0.54
CA ARG B 92 -8.93 3.86 0.20
C ARG B 92 -8.84 5.10 1.07
N SER B 93 -9.95 5.81 1.22
CA SER B 93 -10.09 6.94 2.14
C SER B 93 -9.78 6.59 3.60
N TYR B 94 -10.17 5.39 4.02
CA TYR B 94 -9.84 4.84 5.35
C TYR B 94 -8.35 4.58 5.47
N ARG B 95 -7.81 3.78 4.56
CA ARG B 95 -6.38 3.41 4.59
C ARG B 95 -5.38 4.55 4.36
N GLN B 96 -5.79 5.59 3.64
CA GLN B 96 -4.94 6.76 3.35
C GLN B 96 -5.08 7.84 4.41
N SER B 97 -6.23 8.53 4.45
CA SER B 97 -6.43 9.71 5.31
C SER B 97 -7.05 9.46 6.71
N SER B 98 -7.52 8.23 6.98
CA SER B 98 -8.31 7.89 8.19
C SER B 98 -9.69 8.57 8.24
N ALA B 99 -10.44 8.47 7.15
CA ALA B 99 -11.84 8.97 7.02
C ALA B 99 -12.06 10.50 7.16
N ASN B 100 -11.02 11.29 6.89
CA ASN B 100 -11.08 12.78 6.86
C ASN B 100 -11.25 13.33 5.45
N LEU B 101 -10.55 12.71 4.49
CA LEU B 101 -10.49 13.11 3.09
C LEU B 101 -11.08 12.03 2.20
N LEU B 102 -11.62 12.44 1.05
CA LEU B 102 -12.11 11.50 0.02
C LEU B 102 -10.99 11.18 -0.97
N CYS B 103 -10.43 9.97 -0.84
CA CYS B 103 -9.27 9.55 -1.62
C CYS B 103 -9.71 8.75 -2.84
N PHE B 104 -10.15 9.50 -3.86
CA PHE B 104 -10.59 8.94 -5.15
C PHE B 104 -9.47 8.20 -5.86
N ALA B 105 -8.30 8.84 -5.89
CA ALA B 105 -7.03 8.22 -6.27
C ALA B 105 -5.90 8.81 -5.41
N PRO B 106 -4.70 8.19 -5.39
CA PRO B 106 -3.57 8.77 -4.63
C PRO B 106 -3.12 10.19 -5.04
N ASP B 107 -3.37 10.57 -6.29
CA ASP B 107 -3.16 11.95 -6.80
C ASP B 107 -4.45 12.79 -6.98
N LEU B 108 -5.54 12.40 -6.30
CA LEU B 108 -6.83 13.12 -6.36
C LEU B 108 -7.57 12.92 -5.04
N ILE B 109 -7.08 13.62 -4.03
CA ILE B 109 -7.58 13.57 -2.66
C ILE B 109 -8.34 14.89 -2.47
N ILE B 110 -9.64 14.78 -2.19
CA ILE B 110 -10.55 15.91 -2.07
C ILE B 110 -10.89 16.08 -0.60
N ASN B 111 -10.61 17.27 -0.06
CA ASN B 111 -11.01 17.66 1.29
C ASN B 111 -12.50 18.00 1.28
N GLU B 112 -13.18 17.71 2.39
CA GLU B 112 -14.62 17.99 2.52
C GLU B 112 -14.92 19.49 2.57
N GLN B 113 -14.05 20.25 3.24
CA GLN B 113 -14.17 21.73 3.31
C GLN B 113 -13.94 22.45 1.97
N ARG B 114 -13.20 21.82 1.04
CA ARG B 114 -13.08 22.29 -0.35
C ARG B 114 -14.42 22.30 -1.11
N MET B 115 -15.25 21.26 -0.92
CA MET B 115 -16.59 21.15 -1.53
C MET B 115 -17.65 21.88 -0.69
N THR B 116 -17.57 23.21 -0.70
CA THR B 116 -18.48 24.10 0.07
C THR B 116 -19.97 24.05 -0.36
N LEU B 117 -20.26 23.71 -1.62
CA LEU B 117 -21.65 23.71 -2.13
C LEU B 117 -22.49 22.65 -1.41
N PRO B 118 -23.71 23.02 -0.95
CA PRO B 118 -24.51 22.08 -0.15
C PRO B 118 -24.80 20.75 -0.86
N ASP B 119 -25.18 20.80 -2.14
CA ASP B 119 -25.49 19.58 -2.91
C ASP B 119 -24.30 18.64 -3.13
N MET B 120 -23.09 19.20 -3.29
CA MET B 120 -21.85 18.42 -3.35
C MET B 120 -21.41 17.92 -1.97
N TYR B 121 -21.48 18.82 -0.97
CA TYR B 121 -21.16 18.51 0.44
C TYR B 121 -21.97 17.34 0.99
N ASP B 122 -23.28 17.40 0.79
CA ASP B 122 -24.23 16.32 1.15
C ASP B 122 -23.81 14.92 0.67
N GLN B 123 -23.30 14.85 -0.56
CA GLN B 123 -22.87 13.59 -1.17
C GLN B 123 -21.50 13.13 -0.66
N CYS B 124 -20.59 14.08 -0.45
CA CYS B 124 -19.30 13.80 0.21
C CYS B 124 -19.45 13.22 1.62
N LYS B 125 -20.45 13.67 2.37
CA LYS B 125 -20.81 13.07 3.68
C LYS B 125 -21.26 11.59 3.56
N HIS B 126 -22.08 11.32 2.54
CA HIS B 126 -22.54 9.94 2.26
C HIS B 126 -21.35 9.02 1.96
N MET B 127 -20.43 9.51 1.13
CA MET B 127 -19.20 8.78 0.80
C MET B 127 -18.24 8.64 2.00
N LEU B 128 -18.12 9.71 2.80
CA LEU B 128 -17.32 9.70 4.02
C LEU B 128 -17.89 8.81 5.14
N TYR B 129 -19.22 8.67 5.20
CA TYR B 129 -19.85 7.70 6.12
C TYR B 129 -19.27 6.28 5.98
N VAL B 130 -19.04 5.84 4.74
CA VAL B 130 -18.53 4.49 4.47
C VAL B 130 -17.11 4.33 5.05
N SER B 131 -16.26 5.34 4.83
CA SER B 131 -14.89 5.36 5.38
C SER B 131 -14.87 5.47 6.91
N SER B 132 -15.75 6.30 7.47
CA SER B 132 -15.93 6.45 8.92
C SER B 132 -16.26 5.13 9.62
N GLU B 133 -17.19 4.36 9.04
CA GLU B 133 -17.59 3.06 9.58
C GLU B 133 -16.50 2.00 9.45
N LEU B 134 -15.79 2.00 8.32
CA LEU B 134 -14.58 1.19 8.14
C LEU B 134 -13.49 1.55 9.17
N HIS B 135 -13.33 2.84 9.46
CA HIS B 135 -12.44 3.31 10.53
C HIS B 135 -12.93 2.89 11.93
N ARG B 136 -14.21 3.11 12.22
CA ARG B 136 -14.80 2.78 13.53
C ARG B 136 -14.68 1.30 13.89
N LEU B 137 -15.07 0.45 12.95
CA LEU B 137 -14.98 -1.02 13.12
C LEU B 137 -13.60 -1.64 12.87
N GLN B 138 -12.60 -0.85 12.42
CA GLN B 138 -11.19 -1.29 12.28
C GLN B 138 -11.08 -2.50 11.36
N VAL B 139 -11.65 -2.34 10.17
CA VAL B 139 -11.89 -3.47 9.26
C VAL B 139 -10.56 -3.96 8.68
N SER B 140 -10.39 -5.29 8.70
CA SER B 140 -9.24 -5.97 8.10
C SER B 140 -9.33 -5.93 6.57
N TYR B 141 -8.18 -6.11 5.91
CA TYR B 141 -8.14 -6.17 4.45
C TYR B 141 -8.85 -7.42 3.90
N GLU B 142 -8.69 -8.55 4.59
CA GLU B 142 -9.43 -9.78 4.26
C GLU B 142 -10.95 -9.65 4.49
N GLU B 143 -11.35 -8.93 5.53
CA GLU B 143 -12.78 -8.65 5.79
C GLU B 143 -13.39 -7.79 4.69
N TYR B 144 -12.69 -6.70 4.33
CA TYR B 144 -13.03 -5.83 3.20
C TYR B 144 -13.25 -6.60 1.89
N LEU B 145 -12.34 -7.53 1.60
CA LEU B 145 -12.40 -8.34 0.37
C LEU B 145 -13.66 -9.21 0.26
N CYS B 146 -14.03 -9.85 1.37
CA CYS B 146 -15.26 -10.67 1.44
C CYS B 146 -16.51 -9.80 1.39
N MET B 147 -16.51 -8.74 2.21
CA MET B 147 -17.56 -7.72 2.24
C MET B 147 -17.84 -7.09 0.88
N LYS B 148 -16.78 -6.76 0.14
CA LYS B 148 -16.90 -6.21 -1.21
C LYS B 148 -17.52 -7.21 -2.20
N THR B 149 -17.13 -8.48 -2.09
CA THR B 149 -17.73 -9.59 -2.86
C THR B 149 -19.24 -9.75 -2.58
N LEU B 150 -19.64 -9.61 -1.31
CA LEU B 150 -21.06 -9.65 -0.94
C LEU B 150 -21.90 -8.48 -1.47
N LEU B 151 -21.27 -7.33 -1.74
CA LEU B 151 -21.95 -6.18 -2.37
C LEU B 151 -22.30 -6.40 -3.84
N LEU B 152 -21.48 -7.15 -4.56
CA LEU B 152 -21.85 -7.68 -5.90
C LEU B 152 -23.13 -8.52 -5.83
N LEU B 153 -23.24 -9.34 -4.77
CA LEU B 153 -24.35 -10.26 -4.52
C LEU B 153 -25.41 -9.73 -3.51
N SER B 154 -25.63 -8.40 -3.48
CA SER B 154 -26.51 -7.73 -2.50
C SER B 154 -27.90 -7.33 -3.00
N SER B 155 -28.13 -7.37 -4.32
CA SER B 155 -29.43 -7.04 -4.94
C SER B 155 -29.77 -8.05 -6.04
N VAL B 156 -31.06 -8.40 -6.11
CA VAL B 156 -31.61 -9.48 -6.94
C VAL B 156 -32.93 -8.94 -7.56
N PRO B 157 -33.31 -9.40 -8.77
CA PRO B 157 -34.66 -9.05 -9.29
C PRO B 157 -35.81 -9.64 -8.46
N LYS B 158 -36.98 -8.99 -8.50
CA LYS B 158 -38.14 -9.36 -7.67
C LYS B 158 -38.68 -10.76 -8.01
N ASP B 159 -38.98 -10.98 -9.29
CA ASP B 159 -39.37 -12.32 -9.81
C ASP B 159 -38.28 -13.40 -9.62
N GLY B 160 -37.02 -13.00 -9.77
CA GLY B 160 -35.85 -13.83 -9.44
C GLY B 160 -34.86 -14.03 -10.58
N LEU B 161 -33.71 -14.62 -10.24
CA LEU B 161 -32.69 -15.03 -11.21
C LEU B 161 -33.01 -16.36 -11.87
N LYS B 162 -32.33 -16.63 -12.98
CA LYS B 162 -32.40 -17.91 -13.68
C LYS B 162 -31.72 -19.00 -12.86
N SER B 163 -30.43 -18.78 -12.55
CA SER B 163 -29.62 -19.67 -11.71
C SER B 163 -29.67 -19.20 -10.24
N GLN B 164 -30.87 -19.26 -9.67
CA GLN B 164 -31.16 -18.71 -8.33
C GLN B 164 -30.61 -19.56 -7.18
N ALA B 165 -30.67 -20.89 -7.32
CA ALA B 165 -30.14 -21.82 -6.29
C ALA B 165 -28.62 -21.81 -6.19
N LEU B 166 -27.94 -21.66 -7.33
CA LEU B 166 -26.47 -21.52 -7.38
C LEU B 166 -26.00 -20.19 -6.78
N PHE B 167 -26.72 -19.10 -7.06
CA PHE B 167 -26.47 -17.78 -6.45
C PHE B 167 -26.48 -17.82 -4.91
N ASP B 168 -27.53 -18.43 -4.36
CA ASP B 168 -27.68 -18.62 -2.90
C ASP B 168 -26.49 -19.33 -2.26
N ALA B 169 -26.01 -20.38 -2.92
CA ALA B 169 -24.83 -21.13 -2.48
C ALA B 169 -23.52 -20.33 -2.63
N ILE B 170 -23.42 -19.54 -3.70
CA ILE B 170 -22.29 -18.61 -3.90
C ILE B 170 -22.29 -17.51 -2.83
N ARG B 171 -23.46 -16.94 -2.54
CA ARG B 171 -23.60 -15.91 -1.49
C ARG B 171 -23.24 -16.45 -0.10
N MET B 172 -23.77 -17.62 0.25
CA MET B 172 -23.57 -18.21 1.57
C MET B 172 -22.14 -18.67 1.85
N THR B 173 -21.40 -19.09 0.82
CA THR B 173 -19.96 -19.39 0.97
C THR B 173 -19.15 -18.13 1.23
N TYR B 174 -19.45 -17.04 0.54
CA TYR B 174 -18.80 -15.74 0.81
C TYR B 174 -19.19 -15.13 2.17
N ILE B 175 -20.41 -15.41 2.65
CA ILE B 175 -20.81 -15.13 4.04
C ILE B 175 -19.93 -15.94 5.04
N LYS B 176 -19.73 -17.23 4.76
CA LYS B 176 -18.83 -18.07 5.59
C LYS B 176 -17.38 -17.59 5.53
N GLU B 177 -16.94 -17.14 4.36
CA GLU B 177 -15.58 -16.61 4.16
C GLU B 177 -15.34 -15.30 4.94
N LEU B 178 -16.38 -14.48 5.09
CA LEU B 178 -16.34 -13.31 6.00
C LEU B 178 -16.15 -13.73 7.45
N GLY B 179 -16.94 -14.71 7.87
CA GLY B 179 -16.80 -15.37 9.17
C GLY B 179 -15.38 -15.86 9.47
N LYS B 180 -14.75 -16.50 8.48
CA LYS B 180 -13.35 -16.95 8.59
C LYS B 180 -12.36 -15.78 8.77
N ALA B 181 -12.58 -14.71 8.00
CA ALA B 181 -11.79 -13.47 8.15
C ALA B 181 -11.96 -12.75 9.51
N ILE B 182 -13.15 -12.89 10.13
CA ILE B 182 -13.39 -12.39 11.50
C ILE B 182 -12.59 -13.18 12.55
N VAL B 183 -12.55 -14.51 12.42
CA VAL B 183 -11.83 -15.42 13.35
C VAL B 183 -10.32 -15.11 13.45
N LYS B 184 -9.70 -14.71 12.34
CA LYS B 184 -8.27 -14.36 12.29
C LYS B 184 -7.85 -13.13 13.12
N ARG B 185 -8.81 -12.29 13.53
CA ARG B 185 -8.52 -11.09 14.35
C ARG B 185 -8.06 -11.39 15.77
N GLU B 186 -8.82 -12.24 16.47
CA GLU B 186 -8.52 -12.60 17.87
C GLU B 186 -9.16 -13.92 18.30
N GLY B 187 -10.49 -13.92 18.46
CA GLY B 187 -11.22 -15.06 19.04
C GLY B 187 -12.42 -14.65 19.89
N ASN B 188 -13.05 -15.69 20.48
CA ASN B 188 -14.27 -15.64 21.32
C ASN B 188 -15.55 -15.56 20.48
N SER B 189 -16.42 -16.58 20.63
CA SER B 189 -17.70 -16.71 19.90
C SER B 189 -18.65 -15.52 20.04
N SER B 190 -18.69 -14.93 21.24
CA SER B 190 -19.49 -13.72 21.50
C SER B 190 -18.98 -12.52 20.71
N GLN B 191 -17.68 -12.28 20.81
CA GLN B 191 -17.01 -11.16 20.10
C GLN B 191 -17.11 -11.27 18.58
N ASN B 192 -16.99 -12.49 18.04
CA ASN B 192 -17.15 -12.75 16.60
C ASN B 192 -18.56 -12.49 16.09
N SER B 193 -19.55 -13.05 16.80
CA SER B 193 -20.98 -12.88 16.45
C SER B 193 -21.42 -11.43 16.40
N GLN B 194 -21.03 -10.69 17.44
CA GLN B 194 -21.22 -9.23 17.52
C GLN B 194 -20.53 -8.46 16.38
N ARG B 195 -19.32 -8.89 16.01
CA ARG B 195 -18.57 -8.26 14.90
C ARG B 195 -19.23 -8.55 13.55
N PHE B 196 -19.57 -9.81 13.32
CA PHE B 196 -20.36 -10.22 12.15
C PHE B 196 -21.68 -9.44 12.02
N TYR B 197 -22.31 -9.11 13.17
CA TYR B 197 -23.49 -8.24 13.21
C TYR B 197 -23.14 -6.83 12.70
N GLN B 198 -22.10 -6.24 13.28
CA GLN B 198 -21.63 -4.89 12.92
C GLN B 198 -21.26 -4.73 11.44
N LEU B 199 -20.58 -5.73 10.88
CA LEU B 199 -20.15 -5.71 9.48
C LEU B 199 -21.32 -5.89 8.49
N THR B 200 -22.25 -6.79 8.80
CA THR B 200 -23.49 -6.94 8.03
C THR B 200 -24.41 -5.71 8.12
N LYS B 201 -24.43 -5.03 9.27
CA LYS B 201 -25.17 -3.76 9.41
C LYS B 201 -24.62 -2.63 8.52
N LEU B 202 -23.30 -2.61 8.31
CA LEU B 202 -22.64 -1.70 7.36
C LEU B 202 -23.06 -2.02 5.91
N LEU B 203 -22.94 -3.29 5.53
CA LEU B 203 -23.40 -3.77 4.21
C LEU B 203 -24.88 -3.48 3.93
N ASP B 204 -25.73 -3.60 4.96
CA ASP B 204 -27.14 -3.19 4.88
C ASP B 204 -27.29 -1.70 4.59
N SER B 205 -26.52 -0.88 5.31
CA SER B 205 -26.58 0.59 5.14
C SER B 205 -26.08 1.10 3.76
N MET B 206 -25.28 0.29 3.05
CA MET B 206 -24.85 0.62 1.67
C MET B 206 -25.98 0.79 0.65
N HIS B 207 -27.13 0.16 0.88
CA HIS B 207 -28.33 0.37 0.06
C HIS B 207 -28.81 1.83 0.11
N GLU B 208 -28.87 2.38 1.33
CA GLU B 208 -29.26 3.80 1.52
C GLU B 208 -28.21 4.79 1.02
N VAL B 209 -26.93 4.44 1.13
CA VAL B 209 -25.80 5.26 0.64
C VAL B 209 -25.87 5.37 -0.90
N VAL B 210 -25.91 4.21 -1.55
CA VAL B 210 -25.94 4.10 -3.02
C VAL B 210 -27.20 4.70 -3.65
N GLU B 211 -28.35 4.59 -2.97
CA GLU B 211 -29.61 5.24 -3.41
C GLU B 211 -29.44 6.77 -3.55
N ASN B 212 -28.70 7.38 -2.62
CA ASN B 212 -28.39 8.83 -2.68
C ASN B 212 -27.43 9.17 -3.81
N LEU B 213 -26.32 8.42 -3.87
CA LEU B 213 -25.28 8.65 -4.88
C LEU B 213 -25.78 8.44 -6.32
N LEU B 214 -26.61 7.42 -6.52
CA LEU B 214 -27.25 7.18 -7.83
C LEU B 214 -28.24 8.28 -8.20
N ASN B 215 -29.09 8.66 -7.23
CA ASN B 215 -30.03 9.80 -7.39
C ASN B 215 -29.33 11.09 -7.86
N TYR B 216 -28.12 11.32 -7.33
CA TYR B 216 -27.29 12.47 -7.67
C TYR B 216 -26.71 12.48 -9.09
N CYS B 217 -26.34 11.31 -9.61
CA CYS B 217 -25.62 11.19 -10.89
C CYS B 217 -26.33 10.48 -12.06
N PHE B 218 -27.42 9.75 -11.80
CA PHE B 218 -28.10 8.98 -12.87
C PHE B 218 -28.62 9.88 -14.00
N GLN B 219 -28.40 9.47 -15.25
CA GLN B 219 -28.99 10.16 -16.43
C GLN B 219 -29.93 9.29 -17.29
N THR B 220 -30.26 8.08 -16.82
CA THR B 220 -31.29 7.21 -17.41
C THR B 220 -31.96 6.42 -16.28
N PHE B 221 -33.29 6.50 -16.22
CA PHE B 221 -34.13 5.71 -15.31
C PHE B 221 -34.76 4.58 -16.14
N LEU B 222 -34.53 3.33 -15.71
CA LEU B 222 -35.14 2.15 -16.33
C LEU B 222 -35.98 1.38 -15.30
N ASP B 223 -37.03 0.72 -15.79
CA ASP B 223 -37.96 0.00 -14.94
C ASP B 223 -37.33 -1.32 -14.50
N LYS B 224 -36.93 -2.13 -15.49
CA LYS B 224 -36.26 -3.41 -15.25
C LYS B 224 -34.83 -3.35 -15.77
N THR B 225 -34.06 -4.37 -15.39
CA THR B 225 -32.68 -4.57 -15.86
C THR B 225 -32.63 -4.85 -17.37
N MET B 226 -31.58 -4.35 -18.03
CA MET B 226 -31.38 -4.55 -19.48
C MET B 226 -30.73 -5.91 -19.71
N SER B 227 -31.29 -6.66 -20.68
CA SER B 227 -30.86 -7.99 -21.04
C SER B 227 -29.90 -7.75 -22.19
N ILE B 228 -28.61 -7.57 -21.87
CA ILE B 228 -27.57 -7.24 -22.86
C ILE B 228 -27.20 -8.48 -23.68
N GLU B 229 -26.82 -8.27 -24.95
CA GLU B 229 -26.62 -9.34 -25.96
C GLU B 229 -25.15 -9.72 -26.18
N PHE B 230 -24.28 -8.72 -26.26
CA PHE B 230 -22.82 -8.89 -26.21
C PHE B 230 -22.37 -8.42 -24.82
N PRO B 231 -21.98 -9.36 -23.93
CA PRO B 231 -21.70 -8.97 -22.52
C PRO B 231 -20.51 -8.03 -22.30
N GLU B 232 -19.53 -8.05 -23.21
CA GLU B 232 -18.42 -7.06 -23.22
C GLU B 232 -18.90 -5.59 -23.34
N MET B 233 -20.03 -5.36 -24.00
CA MET B 233 -20.66 -4.02 -24.04
C MET B 233 -21.14 -3.39 -22.71
N LEU B 234 -21.29 -4.20 -21.67
CA LEU B 234 -21.80 -3.78 -20.33
C LEU B 234 -21.15 -2.53 -19.75
N ALA B 235 -19.81 -2.52 -19.74
CA ALA B 235 -19.03 -1.38 -19.21
C ALA B 235 -19.34 -0.07 -19.93
N GLU B 236 -19.45 -0.14 -21.25
CA GLU B 236 -19.88 1.02 -22.07
C GLU B 236 -21.33 1.42 -21.83
N ILE B 237 -22.23 0.45 -21.58
CA ILE B 237 -23.65 0.75 -21.28
C ILE B 237 -23.78 1.47 -19.94
N ILE B 238 -23.10 0.99 -18.90
CA ILE B 238 -23.08 1.63 -17.58
C ILE B 238 -22.46 3.04 -17.67
N THR B 239 -21.32 3.15 -18.37
CA THR B 239 -20.56 4.41 -18.45
C THR B 239 -21.34 5.54 -19.17
N ASN B 240 -21.85 5.27 -20.36
CA ASN B 240 -22.50 6.28 -21.21
C ASN B 240 -23.85 6.79 -20.70
N GLN B 241 -24.64 5.93 -20.08
CA GLN B 241 -26.00 6.27 -19.60
C GLN B 241 -26.23 6.29 -18.07
N ILE B 242 -25.33 5.70 -17.28
CA ILE B 242 -25.34 5.79 -15.78
C ILE B 242 -26.72 5.36 -15.23
N PRO B 243 -27.04 4.06 -15.37
CA PRO B 243 -28.42 3.63 -15.15
C PRO B 243 -28.82 3.52 -13.68
N LYS B 244 -30.00 4.04 -13.36
CA LYS B 244 -30.69 3.81 -12.08
C LYS B 244 -31.87 2.90 -12.39
N TYR B 245 -31.93 1.74 -11.72
CA TYR B 245 -33.01 0.76 -11.91
C TYR B 245 -34.04 0.94 -10.80
N SER B 246 -35.32 0.81 -11.15
CA SER B 246 -36.42 1.12 -10.22
C SER B 246 -36.46 0.13 -9.05
N ASN B 247 -36.74 0.66 -7.85
CA ASN B 247 -36.69 -0.12 -6.61
C ASN B 247 -37.81 -1.17 -6.49
N GLY B 248 -38.97 -0.89 -7.10
CA GLY B 248 -40.11 -1.81 -7.15
C GLY B 248 -39.84 -3.22 -7.66
N ASN B 249 -38.93 -3.35 -8.62
CA ASN B 249 -38.52 -4.65 -9.20
C ASN B 249 -37.18 -5.24 -8.68
N ILE B 250 -36.65 -4.70 -7.57
CA ILE B 250 -35.39 -5.15 -6.96
C ILE B 250 -35.69 -5.63 -5.55
N LYS B 251 -35.37 -6.89 -5.27
CA LYS B 251 -35.24 -7.41 -3.90
C LYS B 251 -33.85 -7.00 -3.38
N LYS B 252 -33.80 -5.88 -2.66
CA LYS B 252 -32.57 -5.45 -1.97
C LYS B 252 -32.38 -6.33 -0.74
N LEU B 253 -31.42 -7.26 -0.85
CA LEU B 253 -31.15 -8.26 0.20
C LEU B 253 -30.53 -7.60 1.43
N LEU B 254 -31.09 -7.91 2.60
CA LEU B 254 -30.66 -7.36 3.90
C LEU B 254 -30.45 -8.51 4.86
N PHE B 255 -29.37 -8.43 5.62
CA PHE B 255 -29.13 -9.36 6.74
C PHE B 255 -30.13 -9.13 7.91
N HIS B 256 -30.54 -7.86 8.12
CA HIS B 256 -31.58 -7.48 9.11
C HIS B 256 -32.59 -6.51 8.52
N GLN B 257 -33.88 -6.78 8.67
CA GLN B 257 -34.93 -5.96 8.07
C GLN B 257 -35.16 -4.68 8.87
N LYS B 258 -35.94 -3.75 8.31
CA LYS B 258 -36.27 -2.47 8.96
C LYS B 258 -37.71 -2.06 8.66
C2 HJ4 C . 27.78 1.59 -0.28
C3 HJ4 C . 29.08 0.83 -0.43
C4 HJ4 C . 28.93 -0.68 -0.54
C5 HJ4 C . 27.59 -1.16 -1.13
C6 HJ4 C . 27.45 -2.36 -1.82
C7 HJ4 C . 28.60 -3.33 -2.01
C11 HJ4 C . 30.31 -5.64 0.51
C12 HJ4 C . 29.43 -5.68 1.60
N13 HJ4 C . 29.70 -6.47 2.74
C15 HJ4 C . 28.67 -7.36 3.30
C16 HJ4 C . 28.23 -4.94 1.51
C17 HJ4 C . 27.96 -4.18 0.38
C18 HJ4 C . 28.46 -4.25 -3.26
C19 HJ4 C . 27.06 -4.90 -3.44
C21 HJ4 C . 26.06 -3.70 -3.49
C23 HJ4 C . 25.17 -5.53 -4.80
C24 HJ4 C . 26.72 -5.59 -4.80
C27 HJ4 C . 28.06 -3.70 -8.24
C30 HJ4 C . 28.21 -2.19 -8.01
C32 HJ4 C . 26.07 -2.77 -2.32
C33 HJ4 C . 25.03 -1.64 -2.44
C34 HJ4 C . 25.02 -0.83 -1.13
C35 HJ4 C . 26.41 -0.30 -0.91
C36 HJ4 C . 26.54 1.00 -0.51
O1 HJ4 C . 27.82 2.74 0.08
C9 HJ4 C . 28.84 -4.12 -0.71
C10 HJ4 C . 30.01 -4.88 -0.61
C14 HJ4 C . 31.04 -6.52 3.34
C20 HJ4 C . 26.82 -5.91 -2.28
C22 HJ4 C . 24.75 -4.43 -3.80
C25 HJ4 C . 27.23 -4.93 -6.03
C26 HJ4 C . 27.65 -4.39 -6.99
C28 HJ4 C . 29.42 -4.22 -8.65
C29 HJ4 C . 27.07 -3.99 -9.37
O31 HJ4 C . 27.11 -6.96 -4.85
C2 HJ4 D . -13.89 6.51 -7.52
C3 HJ4 D . -13.82 7.41 -8.71
C4 HJ4 D . -15.18 7.98 -9.18
C5 HJ4 D . -16.35 7.88 -8.21
C6 HJ4 D . -17.51 8.61 -8.41
C7 HJ4 D . -17.69 9.56 -9.59
C11 HJ4 D . -18.26 8.92 -13.29
C12 HJ4 D . -18.80 7.60 -13.35
N13 HJ4 D . -19.16 7.01 -14.59
C15 HJ4 D . -19.16 5.55 -14.81
C16 HJ4 D . -18.96 6.92 -12.14
C17 HJ4 D . -18.61 7.51 -10.94
C18 HJ4 D . -18.59 10.79 -9.27
C19 HJ4 D . -19.92 10.46 -8.55
C21 HJ4 D . -19.49 9.71 -7.26
C23 HJ4 D . -21.57 10.95 -6.85
C24 HJ4 D . -20.72 11.66 -7.92
C27 HJ4 D . -18.67 14.70 -6.06
C30 HJ4 D . -17.35 14.25 -5.48
C32 HJ4 D . -18.66 8.46 -7.44
C33 HJ4 D . -18.31 7.85 -6.08
C34 HJ4 D . -17.43 6.61 -6.23
C35 HJ4 D . -16.24 6.94 -7.07
C36 HJ4 D . -15.06 6.31 -6.78
O1 HJ4 D . -12.89 5.91 -7.22
C9 HJ4 D . -18.08 8.81 -10.87
C10 HJ4 D . -17.92 9.50 -12.08
C14 HJ4 D . -19.60 7.84 -15.71
C20 HJ4 D . -20.85 9.64 -9.49
C22 HJ4 D . -20.84 9.61 -6.53
C25 HJ4 D . -19.95 12.74 -7.28
C26 HJ4 D . -19.38 13.63 -6.77
C28 HJ4 D . -18.38 15.82 -7.05
C29 HJ4 D . -19.61 15.23 -4.96
O31 HJ4 D . -21.55 12.34 -8.87
#